data_6D7Q
#
_entry.id   6D7Q
#
_cell.length_a   145.187
_cell.length_b   145.187
_cell.length_c   115.897
_cell.angle_alpha   90.00
_cell.angle_beta   90.00
_cell.angle_gamma   90.00
#
_symmetry.space_group_name_H-M   'P 4 21 2'
#
loop_
_entity.id
_entity.type
_entity.pdbx_description
1 polymer 'Transient receptor potential cation channel subfamily V member 6'
2 non-polymer '2-aminoethyl diphenylborinate'
3 non-polymer '6-(5-METHYL-2-OXO-IMIDAZOLIDIN-4-YL)-HEXANOIC ACID'
4 non-polymer 'CALCIUM ION'
#
_entity_poly.entity_id   1
_entity_poly.type   'polypeptide(L)'
_entity_poly.pdbx_seq_one_letter_code
;MGWSLPKEKGLILCLWNKFCRWFHRRESWAQSRDEQNLLQQKRIWESPLLLAAKENNVQALYKLLKFEGCEVHQKGAMGE
TALHIAALYDNNEAAQVLMEAAPELVFEPMTSELYEGQTALHIAVINQNVNLVRALLARGASVSARATGSVFHYRPHNLI
YYGEHPLSFAACVGSEEIVRLLIEHGADIRAQDSLGNTVLHILILQPNKTFACQMYNLLLSYDGGDHLKSLELVPNNQGL
TPFKLAGVEGNIVMFQHLMQKRKHIQWTYGPLTSTLYDLTEIDSSGDDQSLLELIVTTKKREARQILDQTPVKELVSLKW
KRYGRPYFCVLGAIYVLYIICFTMCCVYRPLKPRITNRTNPRDNTLLQQKLLQEAYVTPKDDLRLVGELVSIVGAVIILL
VEIPDIFRLGVTRFFGQTILGGPFHVIIVTYAFMVLVTMVMRLTNSDGEVVPMSFALVLGWCNVMAFARGFQMLGPFTIM
IQKMIFGDLMRFCWLMAVVILGFASAFYIIFQTEDPDELGHFYDYPMALFSTFELFLTIIDGPANYDVDLPFMYSITYAA
FAIIATLLMLNLLIAMMGDTHWRVAHERDELWRAQVVATTVMLERKLPRCLWPRSGICGREYGLGDRWFLRVEDRQDLNR
QRIRRYAQAFQQQDDLYSEDLEKDSGEKLVPR
;
_entity_poly.pdbx_strand_id   A
#
# COMPACT_ATOMS: atom_id res chain seq x y z
N SER A 28 21.19 6.24 -17.83
CA SER A 28 20.05 6.63 -17.00
C SER A 28 19.06 7.48 -17.79
N TRP A 29 17.79 7.44 -17.37
CA TRP A 29 16.74 8.23 -18.01
C TRP A 29 16.62 9.62 -17.39
N ALA A 30 16.97 9.78 -16.11
CA ALA A 30 16.87 11.08 -15.47
C ALA A 30 17.88 12.06 -16.03
N GLN A 31 19.03 11.58 -16.52
CA GLN A 31 20.02 12.49 -17.07
C GLN A 31 19.76 12.80 -18.53
N SER A 32 19.09 11.90 -19.26
CA SER A 32 18.78 12.15 -20.67
C SER A 32 17.97 13.42 -20.84
N ARG A 33 16.99 13.65 -19.95
CA ARG A 33 16.22 14.89 -20.00
C ARG A 33 17.01 16.07 -19.45
N ASP A 34 18.04 15.82 -18.63
CA ASP A 34 18.93 16.89 -18.22
C ASP A 34 19.84 17.31 -19.36
N GLU A 35 20.37 16.33 -20.12
CA GLU A 35 21.21 16.65 -21.26
C GLU A 35 20.42 17.34 -22.36
N GLN A 36 19.22 16.83 -22.66
CA GLN A 36 18.43 17.40 -23.75
C GLN A 36 17.97 18.82 -23.44
N ASN A 37 17.78 19.14 -22.15
CA ASN A 37 17.43 20.51 -21.80
C ASN A 37 18.61 21.45 -22.02
N LEU A 38 19.81 21.00 -21.67
CA LEU A 38 21.01 21.78 -21.98
C LEU A 38 21.26 21.81 -23.49
N LEU A 39 20.99 20.70 -24.18
CA LEU A 39 21.17 20.66 -25.62
C LEU A 39 20.18 21.57 -26.33
N GLN A 40 18.98 21.75 -25.76
CA GLN A 40 18.00 22.63 -26.39
C GLN A 40 18.45 24.09 -26.33
N GLN A 41 18.99 24.52 -25.19
CA GLN A 41 19.43 25.91 -25.05
C GLN A 41 20.59 26.23 -25.98
N LYS A 42 21.37 25.22 -26.39
CA LYS A 42 22.43 25.45 -27.35
C LYS A 42 21.85 25.82 -28.72
N ARG A 43 20.87 25.03 -29.19
CA ARG A 43 20.28 25.31 -30.49
C ARG A 43 19.51 26.62 -30.51
N ILE A 44 18.95 27.03 -29.37
CA ILE A 44 18.28 28.32 -29.30
C ILE A 44 19.29 29.44 -29.50
N TRP A 45 20.44 29.35 -28.84
CA TRP A 45 21.45 30.39 -28.96
C TRP A 45 22.08 30.38 -30.35
N GLU A 46 22.34 29.18 -30.91
CA GLU A 46 22.95 29.10 -32.22
C GLU A 46 22.03 29.63 -33.31
N SER A 47 20.79 29.14 -33.35
CA SER A 47 19.83 29.61 -34.33
C SER A 47 19.38 31.02 -33.99
N PRO A 48 19.67 32.02 -34.82
CA PRO A 48 19.23 33.40 -34.50
C PRO A 48 17.72 33.57 -34.54
N LEU A 49 17.00 32.71 -35.26
CA LEU A 49 15.54 32.75 -35.23
C LEU A 49 15.02 32.31 -33.87
N LEU A 50 15.42 31.11 -33.43
CA LEU A 50 14.99 30.61 -32.13
C LEU A 50 15.46 31.51 -31.00
N LEU A 51 16.60 32.18 -31.18
CA LEU A 51 17.04 33.16 -30.19
C LEU A 51 16.11 34.36 -30.17
N ALA A 52 15.74 34.87 -31.34
CA ALA A 52 14.83 36.01 -31.41
C ALA A 52 13.41 35.63 -30.99
N ALA A 53 13.06 34.35 -31.06
CA ALA A 53 11.76 33.89 -30.57
C ALA A 53 11.78 33.61 -29.07
N LYS A 54 12.96 33.36 -28.50
CA LYS A 54 13.08 33.24 -27.04
C LYS A 54 13.17 34.60 -26.39
N GLU A 55 14.05 35.47 -26.92
CA GLU A 55 14.24 36.81 -26.40
C GLU A 55 13.14 37.77 -26.82
N ASN A 56 12.15 37.31 -27.59
CA ASN A 56 11.05 38.14 -28.06
C ASN A 56 11.57 39.36 -28.83
N ASN A 57 12.63 39.15 -29.61
CA ASN A 57 13.23 40.23 -30.39
C ASN A 57 12.40 40.42 -31.65
N VAL A 58 11.51 41.41 -31.61
CA VAL A 58 10.54 41.59 -32.70
C VAL A 58 11.24 42.05 -33.97
N GLN A 59 12.03 43.12 -33.88
CA GLN A 59 12.70 43.65 -35.06
C GLN A 59 13.74 42.69 -35.61
N ALA A 60 14.21 41.73 -34.81
CA ALA A 60 15.11 40.70 -35.32
C ALA A 60 14.37 39.59 -36.05
N LEU A 61 13.06 39.50 -35.87
CA LEU A 61 12.28 38.49 -36.61
C LEU A 61 11.96 38.96 -38.01
N TYR A 62 11.64 40.25 -38.18
CA TYR A 62 11.37 40.78 -39.51
C TYR A 62 12.63 40.76 -40.37
N LYS A 63 13.78 41.11 -39.78
CA LYS A 63 15.04 41.05 -40.52
C LYS A 63 15.52 39.62 -40.74
N LEU A 64 14.89 38.64 -40.11
CA LEU A 64 15.23 37.23 -40.30
C LEU A 64 14.19 36.46 -41.10
N LEU A 65 13.07 37.07 -41.42
CA LEU A 65 12.03 36.41 -42.21
C LEU A 65 11.63 37.20 -43.44
N LYS A 66 11.51 38.53 -43.34
CA LYS A 66 11.02 39.29 -44.48
C LYS A 66 12.13 39.66 -45.45
N PHE A 67 13.28 40.10 -44.92
CA PHE A 67 14.41 40.51 -45.75
C PHE A 67 15.27 39.32 -46.16
N GLU A 68 15.82 38.61 -45.18
CA GLU A 68 16.56 37.37 -45.43
C GLU A 68 15.65 36.19 -45.12
N GLY A 69 15.37 35.39 -46.15
CA GLY A 69 14.49 34.24 -45.98
C GLY A 69 15.11 33.11 -45.19
N CYS A 70 14.98 33.16 -43.87
CA CYS A 70 15.48 32.07 -43.04
C CYS A 70 14.43 30.96 -42.95
N GLU A 71 14.90 29.78 -42.54
CA GLU A 71 14.04 28.59 -42.46
C GLU A 71 13.05 28.80 -41.33
N VAL A 72 11.83 29.19 -41.66
CA VAL A 72 10.82 29.45 -40.65
C VAL A 72 10.31 28.16 -40.01
N HIS A 73 10.48 27.02 -40.70
CA HIS A 73 10.13 25.72 -40.13
C HIS A 73 11.29 25.10 -39.36
N GLN A 74 12.22 25.92 -38.89
CA GLN A 74 13.41 25.48 -38.18
C GLN A 74 13.04 24.66 -36.94
N LYS A 75 13.32 23.37 -36.98
CA LYS A 75 13.07 22.50 -35.82
C LYS A 75 14.25 22.58 -34.85
N GLY A 76 13.93 22.72 -33.57
CA GLY A 76 14.94 22.78 -32.53
C GLY A 76 15.32 21.40 -32.01
N ALA A 77 16.07 21.40 -30.91
CA ALA A 77 16.59 20.15 -30.36
C ALA A 77 15.48 19.26 -29.81
N MET A 78 14.32 19.82 -29.48
CA MET A 78 13.20 19.05 -28.95
C MET A 78 12.07 18.90 -29.96
N GLY A 79 12.38 19.01 -31.25
CA GLY A 79 11.34 18.98 -32.26
C GLY A 79 10.39 20.15 -32.20
N GLU A 80 10.79 21.23 -31.54
CA GLU A 80 9.94 22.40 -31.37
C GLU A 80 10.11 23.36 -32.54
N THR A 81 9.15 24.25 -32.69
CA THR A 81 9.17 25.29 -33.71
C THR A 81 9.49 26.64 -33.08
N ALA A 82 9.66 27.64 -33.94
CA ALA A 82 9.85 29.00 -33.43
C ALA A 82 8.63 29.48 -32.66
N LEU A 83 7.44 29.03 -33.05
CA LEU A 83 6.23 29.39 -32.32
C LEU A 83 6.17 28.69 -30.98
N HIS A 84 6.66 27.45 -30.91
CA HIS A 84 6.73 26.74 -29.63
C HIS A 84 7.63 27.48 -28.64
N ILE A 85 8.76 28.00 -29.12
CA ILE A 85 9.64 28.78 -28.25
C ILE A 85 9.02 30.14 -27.94
N ALA A 86 8.30 30.71 -28.91
CA ALA A 86 7.57 31.96 -28.67
C ALA A 86 6.43 31.78 -27.68
N ALA A 87 6.12 30.54 -27.29
CA ALA A 87 5.06 30.27 -26.32
C ALA A 87 5.59 29.81 -24.96
N LEU A 88 6.73 29.11 -24.92
CA LEU A 88 7.32 28.72 -23.66
C LEU A 88 7.57 29.94 -22.78
N TYR A 89 8.16 30.97 -23.35
CA TYR A 89 8.23 32.29 -22.73
C TYR A 89 7.11 33.13 -23.32
N ASP A 90 6.17 33.55 -22.47
CA ASP A 90 4.98 34.25 -22.93
C ASP A 90 5.51 35.42 -23.75
N ASN A 91 5.40 35.31 -25.07
CA ASN A 91 5.86 36.32 -26.02
C ASN A 91 4.79 36.34 -27.10
N ASN A 92 3.71 37.09 -26.85
CA ASN A 92 2.65 37.20 -27.85
C ASN A 92 3.10 38.00 -29.06
N GLU A 93 4.04 38.94 -28.87
CA GLU A 93 4.54 39.72 -30.00
C GLU A 93 5.32 38.83 -30.97
N ALA A 94 6.27 38.05 -30.45
CA ALA A 94 7.02 37.13 -31.30
C ALA A 94 6.12 36.02 -31.83
N ALA A 95 5.13 35.59 -31.05
CA ALA A 95 4.22 34.56 -31.52
C ALA A 95 3.39 35.05 -32.71
N GLN A 96 2.94 36.32 -32.65
CA GLN A 96 2.09 36.83 -33.72
C GLN A 96 2.88 37.08 -35.00
N VAL A 97 4.13 37.54 -34.87
CA VAL A 97 4.97 37.69 -36.06
C VAL A 97 5.22 36.34 -36.71
N LEU A 98 5.43 35.30 -35.90
CA LEU A 98 5.63 33.96 -36.43
C LEU A 98 4.33 33.36 -36.96
N MET A 99 3.18 33.83 -36.50
CA MET A 99 1.90 33.34 -36.99
C MET A 99 1.34 34.16 -38.15
N GLU A 100 1.82 35.39 -38.33
CA GLU A 100 1.41 36.19 -39.48
C GLU A 100 2.25 35.90 -40.70
N ALA A 101 3.57 35.67 -40.51
CA ALA A 101 4.46 35.33 -41.59
C ALA A 101 4.51 33.83 -41.86
N ALA A 102 3.90 33.02 -41.01
CA ALA A 102 3.85 31.57 -41.18
C ALA A 102 2.73 30.98 -40.33
N PRO A 103 1.48 31.10 -40.77
CA PRO A 103 0.37 30.59 -39.94
C PRO A 103 0.33 29.08 -39.80
N GLU A 104 1.15 28.34 -40.55
CA GLU A 104 1.18 26.89 -40.44
C GLU A 104 1.89 26.42 -39.17
N LEU A 105 2.61 27.30 -38.47
CA LEU A 105 3.26 26.91 -37.23
C LEU A 105 2.26 26.62 -36.11
N VAL A 106 1.00 27.02 -36.27
CA VAL A 106 0.02 26.80 -35.21
C VAL A 106 -0.32 25.32 -35.09
N PHE A 107 -0.37 24.61 -36.22
CA PHE A 107 -0.71 23.19 -36.21
C PHE A 107 0.47 22.29 -35.85
N GLU A 108 1.68 22.84 -35.76
CA GLU A 108 2.88 22.03 -35.63
C GLU A 108 2.98 21.41 -34.24
N PRO A 109 3.08 20.09 -34.12
CA PRO A 109 3.40 19.47 -32.83
C PRO A 109 4.89 19.25 -32.66
N MET A 110 5.30 19.11 -31.40
CA MET A 110 6.70 18.80 -31.12
C MET A 110 6.99 17.35 -31.50
N THR A 111 8.12 17.14 -32.15
CA THR A 111 8.47 15.81 -32.67
C THR A 111 9.69 15.23 -31.97
N SER A 112 9.66 15.18 -30.64
CA SER A 112 10.71 14.55 -29.86
C SER A 112 10.13 13.38 -29.08
N GLU A 113 11.02 12.63 -28.41
CA GLU A 113 10.56 11.53 -27.58
C GLU A 113 9.97 12.03 -26.26
N LEU A 114 10.52 13.12 -25.72
CA LEU A 114 10.04 13.65 -24.44
C LEU A 114 8.75 14.45 -24.60
N TYR A 115 8.55 15.10 -25.74
CA TYR A 115 7.42 16.00 -25.93
C TYR A 115 6.64 15.62 -27.19
N GLU A 116 6.50 14.32 -27.44
CA GLU A 116 5.79 13.84 -28.62
C GLU A 116 4.34 14.30 -28.61
N GLY A 117 4.00 15.25 -29.48
CA GLY A 117 2.62 15.63 -29.70
C GLY A 117 2.21 16.95 -29.09
N GLN A 118 3.09 17.63 -28.35
CA GLN A 118 2.73 18.91 -27.75
C GLN A 118 2.71 20.00 -28.83
N THR A 119 1.63 20.77 -28.85
CA THR A 119 1.43 21.85 -29.81
C THR A 119 1.65 23.20 -29.13
N ALA A 120 1.56 24.27 -29.94
CA ALA A 120 1.72 25.61 -29.40
C ALA A 120 0.56 26.04 -28.51
N LEU A 121 -0.60 25.37 -28.62
CA LEU A 121 -1.72 25.70 -27.75
C LEU A 121 -1.50 25.16 -26.34
N HIS A 122 -0.95 23.95 -26.23
CA HIS A 122 -0.63 23.40 -24.91
C HIS A 122 0.23 24.34 -24.10
N ILE A 123 1.25 24.93 -24.74
CA ILE A 123 2.15 25.83 -24.04
C ILE A 123 1.42 27.11 -23.63
N ALA A 124 0.49 27.58 -24.47
CA ALA A 124 -0.23 28.80 -24.14
C ALA A 124 -1.28 28.57 -23.06
N VAL A 125 -1.84 27.36 -23.00
CA VAL A 125 -2.81 27.05 -21.95
C VAL A 125 -2.12 26.85 -20.61
N ILE A 126 -0.98 26.16 -20.60
CA ILE A 126 -0.25 25.95 -19.34
C ILE A 126 0.17 27.27 -18.74
N ASN A 127 0.69 28.18 -19.56
CA ASN A 127 1.09 29.50 -19.09
C ASN A 127 -0.10 30.43 -18.88
N GLN A 128 -1.32 29.96 -19.15
CA GLN A 128 -2.54 30.76 -18.96
C GLN A 128 -2.50 32.08 -19.72
N ASN A 129 -1.85 32.08 -20.88
CA ASN A 129 -1.83 33.26 -21.75
C ASN A 129 -3.16 33.28 -22.49
N VAL A 130 -4.16 33.90 -21.84
CA VAL A 130 -5.51 33.92 -22.42
C VAL A 130 -5.52 34.68 -23.74
N ASN A 131 -4.71 35.74 -23.83
CA ASN A 131 -4.65 36.50 -25.08
C ASN A 131 -4.07 35.67 -26.22
N LEU A 132 -3.13 34.77 -25.90
CA LEU A 132 -2.55 33.93 -26.95
C LEU A 132 -3.44 32.73 -27.26
N VAL A 133 -4.04 32.11 -26.23
CA VAL A 133 -4.99 31.02 -26.48
C VAL A 133 -6.16 31.50 -27.33
N ARG A 134 -6.70 32.67 -27.01
CA ARG A 134 -7.78 33.22 -27.82
C ARG A 134 -7.30 33.60 -29.21
N ALA A 135 -6.04 34.04 -29.33
CA ALA A 135 -5.47 34.33 -30.64
C ALA A 135 -5.00 33.08 -31.37
N LEU A 136 -4.68 32.01 -30.65
CA LEU A 136 -4.39 30.73 -31.28
C LEU A 136 -5.67 30.05 -31.74
N LEU A 137 -6.75 30.17 -30.96
CA LEU A 137 -8.02 29.60 -31.37
C LEU A 137 -8.64 30.37 -32.53
N ALA A 138 -8.32 31.66 -32.66
CA ALA A 138 -8.74 32.41 -33.84
C ALA A 138 -8.00 31.93 -35.09
N ARG A 139 -6.74 31.53 -34.93
CA ARG A 139 -5.99 30.94 -36.04
C ARG A 139 -6.46 29.53 -36.40
N GLY A 140 -7.41 28.98 -35.64
CA GLY A 140 -7.92 27.65 -35.91
C GLY A 140 -7.02 26.54 -35.41
N ALA A 141 -6.66 26.58 -34.13
CA ALA A 141 -5.78 25.58 -33.56
C ALA A 141 -6.55 24.35 -33.12
N SER A 142 -5.84 23.22 -33.07
CA SER A 142 -6.47 21.95 -32.69
C SER A 142 -6.78 21.93 -31.21
N VAL A 143 -8.02 21.55 -30.87
CA VAL A 143 -8.44 21.47 -29.48
C VAL A 143 -8.55 20.01 -29.08
N SER A 144 -7.78 19.13 -29.75
CA SER A 144 -7.80 17.71 -29.44
C SER A 144 -6.45 17.08 -29.77
N ALA A 145 -5.37 17.84 -29.56
CA ALA A 145 -4.02 17.36 -29.86
C ALA A 145 -3.47 16.62 -28.65
N ARG A 146 -3.28 15.30 -28.80
CA ARG A 146 -2.70 14.51 -27.73
C ARG A 146 -1.22 14.83 -27.55
N ALA A 147 -0.79 14.95 -26.30
CA ALA A 147 0.61 15.17 -25.95
C ALA A 147 1.12 13.90 -25.28
N THR A 148 1.53 12.93 -26.10
CA THR A 148 1.95 11.62 -25.62
C THR A 148 3.45 11.55 -25.36
N GLY A 149 4.10 12.68 -25.08
CA GLY A 149 5.50 12.66 -24.77
C GLY A 149 5.79 11.95 -23.45
N SER A 150 7.01 11.43 -23.33
CA SER A 150 7.39 10.69 -22.13
C SER A 150 7.42 11.55 -20.88
N VAL A 151 7.52 12.89 -21.04
CA VAL A 151 7.49 13.77 -19.89
C VAL A 151 6.08 14.08 -19.42
N PHE A 152 5.08 13.81 -20.26
CA PHE A 152 3.68 14.00 -19.91
C PHE A 152 3.05 12.74 -19.31
N HIS A 153 3.86 11.76 -18.93
CA HIS A 153 3.37 10.51 -18.39
C HIS A 153 3.05 10.65 -16.90
N TYR A 154 2.24 9.72 -16.41
CA TYR A 154 1.92 9.63 -14.98
C TYR A 154 2.96 8.71 -14.34
N ARG A 155 4.15 9.26 -14.14
CA ARG A 155 5.25 8.55 -13.51
C ARG A 155 5.75 9.33 -12.31
N PRO A 156 6.36 8.65 -11.33
CA PRO A 156 6.91 9.37 -10.17
C PRO A 156 8.03 10.34 -10.54
N HIS A 157 8.81 10.04 -11.58
CA HIS A 157 9.89 10.94 -11.97
C HIS A 157 9.40 12.21 -12.66
N ASN A 158 8.12 12.29 -12.97
CA ASN A 158 7.51 13.52 -13.49
C ASN A 158 6.81 14.24 -12.35
N LEU A 159 7.13 15.53 -12.18
CA LEU A 159 6.61 16.27 -11.03
C LEU A 159 5.09 16.39 -11.11
N ILE A 160 4.56 16.78 -12.26
CA ILE A 160 3.12 16.97 -12.42
C ILE A 160 2.59 15.91 -13.37
N TYR A 161 1.26 15.87 -13.48
CA TYR A 161 0.57 14.99 -14.43
C TYR A 161 -0.77 15.65 -14.72
N TYR A 162 -0.86 16.35 -15.84
CA TYR A 162 -2.09 17.07 -16.21
C TYR A 162 -2.90 16.36 -17.28
N GLY A 163 -2.32 15.39 -17.97
CA GLY A 163 -3.00 14.70 -19.04
C GLY A 163 -2.40 14.97 -20.39
N GLU A 164 -3.20 14.75 -21.43
CA GLU A 164 -2.74 14.90 -22.81
C GLU A 164 -3.48 15.97 -23.59
N HIS A 165 -4.77 16.23 -23.29
CA HIS A 165 -5.58 17.16 -24.07
C HIS A 165 -5.41 18.58 -23.57
N PRO A 166 -5.61 19.57 -24.45
CA PRO A 166 -5.54 20.97 -24.00
C PRO A 166 -6.64 21.34 -23.02
N LEU A 167 -7.76 20.61 -23.01
CA LEU A 167 -8.79 20.88 -22.01
C LEU A 167 -8.37 20.41 -20.63
N SER A 168 -7.63 19.29 -20.56
CA SER A 168 -7.13 18.82 -19.27
C SER A 168 -6.14 19.80 -18.67
N PHE A 169 -5.35 20.47 -19.51
CA PHE A 169 -4.39 21.44 -18.99
C PHE A 169 -5.10 22.66 -18.41
N ALA A 170 -6.11 23.18 -19.13
CA ALA A 170 -6.84 24.33 -18.63
C ALA A 170 -7.54 24.01 -17.33
N ALA A 171 -8.03 22.79 -17.16
CA ALA A 171 -8.75 22.43 -15.95
C ALA A 171 -7.80 22.25 -14.76
N CYS A 172 -6.58 21.79 -15.01
CA CYS A 172 -5.64 21.56 -13.91
C CYS A 172 -5.02 22.87 -13.41
N VAL A 173 -4.78 23.83 -14.31
CA VAL A 173 -4.25 25.12 -13.89
C VAL A 173 -5.31 26.04 -13.33
N GLY A 174 -6.57 25.60 -13.30
CA GLY A 174 -7.64 26.38 -12.73
C GLY A 174 -8.08 27.58 -13.54
N SER A 175 -7.51 27.80 -14.72
CA SER A 175 -7.87 28.94 -15.56
C SER A 175 -9.26 28.68 -16.14
N GLU A 176 -10.29 29.04 -15.35
CA GLU A 176 -11.67 28.80 -15.77
C GLU A 176 -12.01 29.56 -17.04
N GLU A 177 -11.35 30.70 -17.27
CA GLU A 177 -11.59 31.43 -18.52
C GLU A 177 -11.16 30.61 -19.73
N ILE A 178 -10.01 29.94 -19.63
CA ILE A 178 -9.54 29.12 -20.73
C ILE A 178 -10.33 27.81 -20.82
N VAL A 179 -10.84 27.32 -19.69
CA VAL A 179 -11.64 26.10 -19.71
C VAL A 179 -12.88 26.29 -20.57
N ARG A 180 -13.60 27.40 -20.37
CA ARG A 180 -14.77 27.66 -21.19
C ARG A 180 -14.37 28.13 -22.58
N LEU A 181 -13.28 28.89 -22.70
CA LEU A 181 -12.83 29.35 -24.01
C LEU A 181 -12.47 28.19 -24.92
N LEU A 182 -12.01 27.07 -24.35
CA LEU A 182 -11.73 25.88 -25.15
C LEU A 182 -13.00 25.10 -25.46
N ILE A 183 -13.93 25.03 -24.50
CA ILE A 183 -15.21 24.37 -24.75
C ILE A 183 -15.96 25.10 -25.86
N GLU A 184 -15.91 26.43 -25.86
CA GLU A 184 -16.59 27.21 -26.88
C GLU A 184 -16.09 26.91 -28.28
N HIS A 185 -14.88 26.37 -28.42
CA HIS A 185 -14.34 25.96 -29.71
C HIS A 185 -14.42 24.46 -29.92
N GLY A 186 -15.37 23.80 -29.28
CA GLY A 186 -15.60 22.38 -29.50
C GLY A 186 -14.64 21.47 -28.78
N ALA A 187 -14.58 21.57 -27.45
CA ALA A 187 -13.75 20.69 -26.64
C ALA A 187 -14.62 19.59 -26.05
N ASP A 188 -14.19 18.35 -26.21
CA ASP A 188 -14.93 17.19 -25.73
C ASP A 188 -14.51 16.85 -24.32
N ILE A 189 -15.44 16.96 -23.37
CA ILE A 189 -15.11 16.61 -21.98
C ILE A 189 -14.97 15.11 -21.81
N ARG A 190 -15.56 14.31 -22.70
CA ARG A 190 -15.48 12.85 -22.60
C ARG A 190 -14.09 12.31 -22.92
N ALA A 191 -13.20 13.15 -23.45
CA ALA A 191 -11.92 12.67 -23.95
C ALA A 191 -11.08 12.06 -22.83
N GLN A 192 -10.49 10.90 -23.14
CA GLN A 192 -9.62 10.20 -22.21
C GLN A 192 -8.21 10.15 -22.77
N ASP A 193 -7.23 9.97 -21.88
CA ASP A 193 -5.83 9.90 -22.27
C ASP A 193 -5.42 8.43 -22.42
N SER A 194 -4.11 8.20 -22.56
CA SER A 194 -3.60 6.84 -22.75
C SER A 194 -3.91 5.93 -21.58
N LEU A 195 -4.22 6.50 -20.40
CA LEU A 195 -4.63 5.74 -19.24
C LEU A 195 -6.15 5.69 -19.09
N GLY A 196 -6.90 6.18 -20.08
CA GLY A 196 -8.34 6.17 -20.01
C GLY A 196 -8.93 7.07 -18.95
N ASN A 197 -8.22 8.11 -18.55
CA ASN A 197 -8.70 9.03 -17.54
C ASN A 197 -9.38 10.23 -18.20
N THR A 198 -10.61 10.51 -17.79
CA THR A 198 -11.32 11.68 -18.27
C THR A 198 -10.76 12.94 -17.61
N VAL A 199 -11.29 14.10 -18.00
CA VAL A 199 -10.90 15.35 -17.37
C VAL A 199 -11.32 15.42 -15.91
N LEU A 200 -12.20 14.52 -15.46
CA LEU A 200 -12.58 14.43 -14.06
C LEU A 200 -11.62 13.55 -13.27
N HIS A 201 -11.15 12.45 -13.86
CA HIS A 201 -10.20 11.58 -13.17
C HIS A 201 -8.89 12.30 -12.88
N ILE A 202 -8.49 13.21 -13.75
CA ILE A 202 -7.23 13.92 -13.56
C ILE A 202 -7.35 14.95 -12.45
N LEU A 203 -8.49 15.64 -12.37
CA LEU A 203 -8.70 16.65 -11.33
C LEU A 203 -8.63 16.05 -9.94
N ILE A 204 -8.91 14.76 -9.79
CA ILE A 204 -8.81 14.11 -8.48
C ILE A 204 -7.36 14.02 -8.03
N LEU A 205 -6.43 13.93 -8.97
CA LEU A 205 -5.01 13.73 -8.69
C LEU A 205 -4.25 15.05 -8.66
N GLN A 206 -4.80 16.07 -8.02
CA GLN A 206 -4.20 17.40 -7.98
C GLN A 206 -4.01 17.87 -6.55
N PRO A 207 -3.01 18.74 -6.30
CA PRO A 207 -2.79 19.23 -4.94
C PRO A 207 -3.86 20.20 -4.47
N ASN A 208 -4.13 21.23 -5.27
CA ASN A 208 -5.10 22.27 -4.92
C ASN A 208 -6.51 21.65 -4.98
N LYS A 209 -6.89 20.98 -3.90
CA LYS A 209 -8.18 20.31 -3.85
C LYS A 209 -9.33 21.30 -3.66
N THR A 210 -9.10 22.35 -2.86
CA THR A 210 -10.17 23.29 -2.58
C THR A 210 -10.59 24.08 -3.82
N PHE A 211 -9.66 24.31 -4.75
CA PHE A 211 -9.99 24.98 -6.00
C PHE A 211 -10.38 24.01 -7.10
N ALA A 212 -10.06 22.72 -6.95
CA ALA A 212 -10.40 21.74 -7.97
C ALA A 212 -11.89 21.41 -7.97
N CYS A 213 -12.53 21.47 -6.81
CA CYS A 213 -13.97 21.20 -6.75
C CYS A 213 -14.76 22.24 -7.54
N GLN A 214 -14.33 23.50 -7.50
CA GLN A 214 -14.95 24.53 -8.32
C GLN A 214 -14.75 24.24 -9.80
N MET A 215 -13.53 23.84 -10.17
CA MET A 215 -13.27 23.48 -11.56
C MET A 215 -13.99 22.19 -11.94
N TYR A 216 -14.17 21.27 -10.99
CA TYR A 216 -14.86 20.02 -11.29
C TYR A 216 -16.31 20.27 -11.66
N ASN A 217 -16.97 21.21 -10.98
CA ASN A 217 -18.35 21.53 -11.33
C ASN A 217 -18.43 22.30 -12.65
N LEU A 218 -17.40 23.09 -12.97
CA LEU A 218 -17.39 23.79 -14.25
C LEU A 218 -17.36 22.82 -15.42
N LEU A 219 -16.64 21.71 -15.28
CA LEU A 219 -16.58 20.73 -16.36
C LEU A 219 -17.88 19.94 -16.45
N LEU A 220 -18.62 19.83 -15.34
CA LEU A 220 -19.86 19.07 -15.34
C LEU A 220 -21.00 19.81 -16.03
N SER A 221 -20.99 21.14 -16.00
CA SER A 221 -22.06 21.93 -16.58
C SER A 221 -22.12 21.85 -18.10
N TYR A 222 -21.12 21.23 -18.75
CA TYR A 222 -21.10 21.06 -20.19
C TYR A 222 -21.48 19.64 -20.62
N ASP A 223 -22.10 18.87 -19.74
CA ASP A 223 -22.48 17.50 -20.06
C ASP A 223 -23.73 17.49 -20.94
N GLY A 224 -24.12 16.29 -21.37
CA GLY A 224 -25.25 16.15 -22.27
C GLY A 224 -26.60 16.53 -21.65
N GLY A 225 -26.70 16.50 -20.32
CA GLY A 225 -27.92 16.83 -19.63
C GLY A 225 -28.80 15.64 -19.29
N ASP A 226 -28.81 14.62 -20.15
CA ASP A 226 -29.59 13.42 -19.87
C ASP A 226 -29.01 12.66 -18.70
N HIS A 227 -29.87 11.89 -18.02
CA HIS A 227 -29.44 11.19 -16.81
C HIS A 227 -28.48 10.03 -17.10
N LEU A 228 -28.50 9.50 -18.32
CA LEU A 228 -27.62 8.40 -18.70
C LEU A 228 -26.44 8.92 -19.52
N LYS A 229 -25.41 8.07 -19.63
CA LYS A 229 -24.17 8.41 -20.33
C LYS A 229 -23.53 9.67 -19.75
N SER A 230 -23.62 9.83 -18.44
CA SER A 230 -23.01 10.98 -17.79
C SER A 230 -21.50 10.82 -17.73
N LEU A 231 -20.81 11.94 -17.51
CA LEU A 231 -19.35 11.90 -17.43
C LEU A 231 -18.88 11.36 -16.09
N GLU A 232 -19.65 11.57 -15.02
CA GLU A 232 -19.29 11.06 -13.70
C GLU A 232 -19.38 9.54 -13.60
N LEU A 233 -19.76 8.85 -14.68
CA LEU A 233 -19.88 7.40 -14.68
C LEU A 233 -18.89 6.71 -15.59
N VAL A 234 -18.11 7.45 -16.38
CA VAL A 234 -17.12 6.85 -17.28
C VAL A 234 -16.06 6.14 -16.45
N PRO A 235 -15.91 4.84 -16.60
CA PRO A 235 -14.94 4.11 -15.77
C PRO A 235 -13.52 4.24 -16.31
N ASN A 236 -12.58 4.26 -15.37
CA ASN A 236 -11.17 4.25 -15.72
C ASN A 236 -10.80 2.92 -16.38
N ASN A 237 -9.62 2.89 -17.00
CA ASN A 237 -9.17 1.65 -17.62
C ASN A 237 -8.84 0.57 -16.59
N GLN A 238 -8.76 0.93 -15.30
CA GLN A 238 -8.63 -0.03 -14.22
C GLN A 238 -9.93 -0.19 -13.44
N GLY A 239 -11.06 0.17 -14.05
CA GLY A 239 -12.37 -0.01 -13.43
C GLY A 239 -12.66 0.96 -12.30
N LEU A 240 -12.56 2.27 -12.57
CA LEU A 240 -12.76 3.28 -11.55
C LEU A 240 -13.50 4.47 -12.14
N THR A 241 -14.66 4.78 -11.58
CA THR A 241 -15.35 6.03 -11.88
C THR A 241 -14.68 7.17 -11.11
N PRO A 242 -14.91 8.42 -11.54
CA PRO A 242 -14.31 9.55 -10.80
C PRO A 242 -14.69 9.59 -9.33
N PHE A 243 -15.91 9.16 -8.97
CA PHE A 243 -16.25 9.04 -7.56
C PHE A 243 -15.41 7.95 -6.89
N LYS A 244 -15.25 6.82 -7.56
CA LYS A 244 -14.54 5.70 -6.97
C LYS A 244 -13.04 5.94 -6.93
N LEU A 245 -12.50 6.70 -7.88
CA LEU A 245 -11.07 7.00 -7.88
C LEU A 245 -10.70 7.90 -6.70
N ALA A 246 -11.60 8.79 -6.28
CA ALA A 246 -11.30 9.67 -5.17
C ALA A 246 -11.19 8.91 -3.85
N GLY A 247 -11.87 7.76 -3.74
CA GLY A 247 -11.78 6.98 -2.51
C GLY A 247 -10.47 6.23 -2.38
N VAL A 248 -10.06 5.52 -3.44
CA VAL A 248 -8.83 4.74 -3.38
C VAL A 248 -7.61 5.65 -3.30
N GLU A 249 -7.70 6.86 -3.83
CA GLU A 249 -6.58 7.79 -3.80
C GLU A 249 -6.51 8.58 -2.50
N GLY A 250 -7.61 8.64 -1.74
CA GLY A 250 -7.62 9.36 -0.48
C GLY A 250 -7.95 10.84 -0.60
N ASN A 251 -8.64 11.24 -1.67
CA ASN A 251 -8.99 12.64 -1.86
C ASN A 251 -10.30 12.91 -1.12
N ILE A 252 -10.19 13.45 0.09
CA ILE A 252 -11.36 13.66 0.93
C ILE A 252 -12.16 14.86 0.43
N VAL A 253 -11.48 15.91 -0.04
CA VAL A 253 -12.18 17.09 -0.53
C VAL A 253 -13.06 16.75 -1.73
N MET A 254 -12.57 15.86 -2.60
CA MET A 254 -13.37 15.41 -3.73
C MET A 254 -14.34 14.31 -3.33
N PHE A 255 -14.03 13.56 -2.28
CA PHE A 255 -14.96 12.54 -1.79
C PHE A 255 -16.20 13.18 -1.18
N GLN A 256 -16.00 14.16 -0.29
CA GLN A 256 -17.13 14.87 0.29
C GLN A 256 -17.91 15.65 -0.76
N HIS A 257 -17.20 16.24 -1.73
CA HIS A 257 -17.87 17.01 -2.77
C HIS A 257 -18.68 16.10 -3.68
N LEU A 258 -18.14 14.94 -4.05
CA LEU A 258 -18.87 13.99 -4.88
C LEU A 258 -19.94 13.23 -4.11
N MET A 259 -19.95 13.32 -2.77
CA MET A 259 -20.98 12.65 -2.00
C MET A 259 -22.27 13.46 -1.95
N GLN A 260 -22.18 14.79 -2.06
CA GLN A 260 -23.37 15.62 -2.06
C GLN A 260 -24.31 15.27 -3.21
N LYS A 261 -23.76 14.77 -4.32
CA LYS A 261 -24.55 14.37 -5.46
C LYS A 261 -25.27 13.04 -5.25
N ARG A 262 -24.99 12.33 -4.16
CA ARG A 262 -25.57 11.02 -3.93
C ARG A 262 -25.90 10.84 -2.45
N LYS A 263 -26.71 11.76 -1.92
CA LYS A 263 -27.26 11.60 -0.58
C LYS A 263 -28.54 12.42 -0.48
N HIS A 264 -29.56 11.82 0.13
CA HIS A 264 -30.88 12.41 0.22
C HIS A 264 -31.15 12.87 1.64
N ILE A 265 -31.72 14.06 1.77
CA ILE A 265 -32.07 14.63 3.07
C ILE A 265 -33.56 14.38 3.29
N GLN A 266 -33.88 13.51 4.25
CA GLN A 266 -35.27 13.13 4.48
C GLN A 266 -36.08 14.27 5.11
N TRP A 267 -35.63 14.74 6.27
CA TRP A 267 -36.34 15.82 6.93
C TRP A 267 -35.39 16.57 7.85
N THR A 268 -35.81 17.78 8.24
CA THR A 268 -35.10 18.61 9.20
C THR A 268 -36.05 18.92 10.34
N TYR A 269 -35.71 18.45 11.54
CA TYR A 269 -36.55 18.57 12.73
C TYR A 269 -35.73 19.28 13.80
N GLY A 270 -35.66 20.61 13.71
CA GLY A 270 -34.84 21.39 14.60
C GLY A 270 -33.36 21.09 14.40
N PRO A 271 -32.70 20.61 15.45
CA PRO A 271 -31.29 20.21 15.28
C PRO A 271 -31.11 18.95 14.46
N LEU A 272 -32.05 18.02 14.53
CA LEU A 272 -31.93 16.75 13.84
C LEU A 272 -32.14 16.90 12.34
N THR A 273 -31.42 16.09 11.57
CA THR A 273 -31.53 16.08 10.11
C THR A 273 -31.14 14.68 9.66
N SER A 274 -32.14 13.83 9.46
CA SER A 274 -31.90 12.44 9.05
C SER A 274 -31.65 12.41 7.54
N THR A 275 -30.38 12.34 7.15
CA THR A 275 -30.02 12.23 5.75
C THR A 275 -29.91 10.77 5.34
N LEU A 276 -30.29 10.47 4.10
CA LEU A 276 -30.33 9.11 3.57
C LEU A 276 -29.30 9.01 2.45
N TYR A 277 -28.16 8.40 2.76
CA TYR A 277 -27.07 8.31 1.79
C TYR A 277 -27.39 7.25 0.73
N ASP A 278 -26.81 7.45 -0.46
CA ASP A 278 -27.16 6.61 -1.61
C ASP A 278 -26.74 5.17 -1.40
N LEU A 279 -25.46 4.95 -1.07
CA LEU A 279 -24.91 3.61 -0.84
C LEU A 279 -25.10 2.72 -2.06
N THR A 280 -24.26 2.89 -3.07
CA THR A 280 -24.29 2.04 -4.26
C THR A 280 -22.89 1.55 -4.58
N GLU A 281 -22.01 2.47 -5.01
CA GLU A 281 -20.61 2.12 -5.19
C GLU A 281 -19.86 1.98 -3.87
N ILE A 282 -20.49 2.36 -2.75
CA ILE A 282 -19.82 2.30 -1.46
C ILE A 282 -19.92 0.89 -0.86
N ASP A 283 -21.00 0.18 -1.13
CA ASP A 283 -21.20 -1.15 -0.57
C ASP A 283 -20.63 -2.22 -1.50
N SER A 284 -20.48 -3.43 -0.96
CA SER A 284 -19.95 -4.56 -1.73
C SER A 284 -21.04 -5.18 -2.61
N SER A 285 -21.54 -4.36 -3.53
CA SER A 285 -22.57 -4.81 -4.45
C SER A 285 -21.98 -5.67 -5.57
N GLY A 286 -20.91 -5.20 -6.21
CA GLY A 286 -20.26 -5.95 -7.25
C GLY A 286 -19.25 -6.94 -6.70
N ASP A 287 -18.76 -7.81 -7.60
CA ASP A 287 -17.79 -8.83 -7.18
C ASP A 287 -16.49 -8.20 -6.74
N ASP A 288 -16.08 -7.11 -7.38
CA ASP A 288 -14.85 -6.43 -6.99
C ASP A 288 -14.86 -4.94 -7.32
N GLN A 289 -15.91 -4.42 -7.95
CA GLN A 289 -15.99 -3.00 -8.25
C GLN A 289 -16.33 -2.15 -7.03
N SER A 290 -16.58 -2.78 -5.89
CA SER A 290 -16.97 -2.03 -4.69
C SER A 290 -15.84 -1.13 -4.22
N LEU A 291 -16.19 0.01 -3.64
CA LEU A 291 -15.18 0.92 -3.10
C LEU A 291 -14.61 0.40 -1.80
N LEU A 292 -15.41 -0.33 -1.01
CA LEU A 292 -14.90 -0.91 0.22
C LEU A 292 -13.77 -1.90 -0.06
N GLU A 293 -13.97 -2.78 -1.06
CA GLU A 293 -12.95 -3.75 -1.42
C GLU A 293 -11.69 -3.11 -1.96
N LEU A 294 -11.72 -1.81 -2.28
CA LEU A 294 -10.56 -1.11 -2.81
C LEU A 294 -9.74 -0.43 -1.71
N ILE A 295 -10.38 0.05 -0.66
CA ILE A 295 -9.64 0.70 0.41
C ILE A 295 -8.79 -0.30 1.17
N VAL A 296 -9.24 -1.56 1.27
CA VAL A 296 -8.50 -2.58 2.00
C VAL A 296 -7.26 -3.00 1.23
N THR A 297 -7.42 -3.31 -0.06
CA THR A 297 -6.38 -3.94 -0.85
C THR A 297 -5.44 -2.94 -1.53
N THR A 298 -5.55 -1.65 -1.21
CA THR A 298 -4.73 -0.65 -1.86
C THR A 298 -3.46 -0.37 -1.05
N LYS A 299 -2.41 0.04 -1.76
CA LYS A 299 -1.16 0.44 -1.12
C LYS A 299 -1.17 1.88 -0.63
N LYS A 300 -2.17 2.67 -1.01
CA LYS A 300 -2.24 4.07 -0.60
C LYS A 300 -2.44 4.16 0.90
N ARG A 301 -1.44 4.69 1.60
CA ARG A 301 -1.55 4.85 3.05
C ARG A 301 -2.65 5.85 3.41
N GLU A 302 -2.91 6.82 2.53
CA GLU A 302 -3.86 7.88 2.83
C GLU A 302 -5.31 7.45 2.63
N ALA A 303 -5.56 6.39 1.85
CA ALA A 303 -6.92 5.96 1.58
C ALA A 303 -7.64 5.48 2.83
N ARG A 304 -6.89 5.20 3.91
CA ARG A 304 -7.51 4.74 5.15
C ARG A 304 -8.45 5.77 5.75
N GLN A 305 -8.30 7.04 5.39
CA GLN A 305 -9.12 8.09 5.97
C GLN A 305 -10.48 8.23 5.28
N ILE A 306 -10.71 7.50 4.19
CA ILE A 306 -12.01 7.55 3.52
C ILE A 306 -13.08 6.88 4.38
N LEU A 307 -12.73 5.77 5.03
CA LEU A 307 -13.71 5.03 5.83
C LEU A 307 -14.16 5.80 7.07
N ASP A 308 -13.52 6.92 7.40
CA ASP A 308 -13.98 7.74 8.51
C ASP A 308 -14.96 8.82 8.06
N GLN A 309 -15.34 8.85 6.79
CA GLN A 309 -16.34 9.78 6.31
C GLN A 309 -17.74 9.29 6.64
N THR A 310 -18.66 10.24 6.84
CA THR A 310 -19.95 9.91 7.43
C THR A 310 -20.80 8.91 6.63
N PRO A 311 -20.75 8.84 5.28
CA PRO A 311 -21.50 7.76 4.62
C PRO A 311 -20.90 6.39 4.85
N VAL A 312 -19.62 6.30 5.21
CA VAL A 312 -18.93 5.03 5.31
C VAL A 312 -18.68 4.60 6.75
N LYS A 313 -18.44 5.54 7.67
CA LYS A 313 -18.06 5.15 9.02
C LYS A 313 -19.20 4.46 9.75
N GLU A 314 -20.40 5.06 9.74
CA GLU A 314 -21.53 4.41 10.40
C GLU A 314 -21.99 3.17 9.66
N LEU A 315 -21.63 3.04 8.38
CA LEU A 315 -21.93 1.81 7.64
C LEU A 315 -21.17 0.63 8.23
N VAL A 316 -19.83 0.71 8.20
CA VAL A 316 -19.00 -0.39 8.70
C VAL A 316 -19.09 -0.52 10.21
N SER A 317 -19.51 0.53 10.91
CA SER A 317 -19.74 0.41 12.35
C SER A 317 -20.87 -0.57 12.63
N LEU A 318 -21.90 -0.58 11.79
CA LEU A 318 -22.98 -1.55 11.91
C LEU A 318 -22.60 -2.92 11.36
N LYS A 319 -21.57 -2.98 10.51
CA LYS A 319 -21.13 -4.26 9.96
C LYS A 319 -20.28 -5.06 10.93
N TRP A 320 -19.68 -4.42 11.92
CA TRP A 320 -18.78 -5.09 12.85
C TRP A 320 -19.43 -5.43 14.18
N LYS A 321 -20.22 -4.53 14.75
CA LYS A 321 -20.85 -4.80 16.04
C LYS A 321 -21.72 -6.05 15.98
N ARG A 322 -22.57 -6.15 14.96
CA ARG A 322 -23.34 -7.35 14.69
C ARG A 322 -22.80 -8.03 13.44
N TYR A 323 -22.95 -9.35 13.39
CA TYR A 323 -22.54 -10.20 12.27
C TYR A 323 -21.07 -10.10 11.86
N GLY A 324 -20.28 -9.27 12.48
CA GLY A 324 -18.87 -9.19 12.19
C GLY A 324 -18.15 -9.80 13.38
N ARG A 325 -18.28 -9.15 14.54
CA ARG A 325 -17.58 -9.64 15.72
C ARG A 325 -18.00 -11.03 16.17
N PRO A 326 -19.28 -11.41 16.20
CA PRO A 326 -19.62 -12.78 16.63
C PRO A 326 -19.04 -13.87 15.75
N TYR A 327 -19.22 -13.75 14.43
CA TYR A 327 -18.66 -14.76 13.52
C TYR A 327 -17.14 -14.81 13.63
N PHE A 328 -16.50 -13.70 13.97
CA PHE A 328 -15.06 -13.69 14.19
C PHE A 328 -14.71 -14.56 15.40
N CYS A 329 -15.45 -14.40 16.50
CA CYS A 329 -15.15 -15.14 17.72
C CYS A 329 -15.46 -16.63 17.55
N VAL A 330 -16.53 -16.96 16.82
CA VAL A 330 -16.81 -18.35 16.51
C VAL A 330 -15.62 -18.98 15.80
N LEU A 331 -15.12 -18.29 14.76
CA LEU A 331 -13.89 -18.73 14.10
C LEU A 331 -12.70 -18.72 15.05
N GLY A 332 -12.77 -17.92 16.11
CA GLY A 332 -11.73 -17.92 17.12
C GLY A 332 -11.89 -19.04 18.12
N ALA A 333 -13.13 -19.24 18.60
CA ALA A 333 -13.38 -20.31 19.55
C ALA A 333 -13.15 -21.68 18.91
N ILE A 334 -13.54 -21.83 17.64
CA ILE A 334 -13.24 -23.07 16.93
C ILE A 334 -11.74 -23.25 16.80
N TYR A 335 -11.02 -22.19 16.45
CA TYR A 335 -9.58 -22.29 16.27
C TYR A 335 -8.88 -22.64 17.57
N VAL A 336 -9.22 -21.94 18.66
CA VAL A 336 -8.63 -22.24 19.95
C VAL A 336 -8.96 -23.66 20.38
N LEU A 337 -10.19 -24.10 20.10
CA LEU A 337 -10.55 -25.49 20.36
C LEU A 337 -9.80 -26.43 19.44
N TYR A 338 -9.63 -26.05 18.17
CA TYR A 338 -8.90 -26.89 17.23
C TYR A 338 -7.43 -27.01 17.62
N ILE A 339 -6.83 -25.92 18.07
CA ILE A 339 -5.41 -25.95 18.42
C ILE A 339 -5.20 -26.64 19.75
N ILE A 340 -6.07 -26.40 20.73
CA ILE A 340 -5.94 -27.06 22.02
C ILE A 340 -6.18 -28.56 21.90
N CYS A 341 -6.85 -29.00 20.84
CA CYS A 341 -6.97 -30.44 20.61
C CYS A 341 -5.76 -30.96 19.84
N PHE A 342 -5.23 -30.16 18.91
CA PHE A 342 -4.01 -30.55 18.22
C PHE A 342 -2.84 -30.68 19.20
N THR A 343 -2.74 -29.74 20.15
CA THR A 343 -1.70 -29.85 21.16
C THR A 343 -1.98 -30.99 22.14
N MET A 344 -3.25 -31.37 22.29
CA MET A 344 -3.58 -32.54 23.10
C MET A 344 -3.03 -33.81 22.47
N CYS A 345 -2.94 -33.85 21.15
CA CYS A 345 -2.34 -34.98 20.46
C CYS A 345 -0.82 -35.00 20.57
N CYS A 346 -0.20 -33.87 20.90
CA CYS A 346 1.24 -33.81 21.02
C CYS A 346 1.73 -34.23 22.39
N VAL A 347 1.06 -33.77 23.45
CA VAL A 347 1.47 -34.10 24.82
C VAL A 347 1.39 -35.59 25.09
N TYR A 348 0.64 -36.33 24.28
CA TYR A 348 0.54 -37.79 24.39
C TYR A 348 0.83 -38.38 23.02
N ARG A 349 2.03 -38.93 22.87
CA ARG A 349 2.53 -39.50 21.62
C ARG A 349 3.07 -40.89 21.91
N PRO A 350 3.41 -41.67 20.84
CA PRO A 350 4.00 -42.99 21.08
C PRO A 350 5.20 -42.96 22.02
N LEU A 351 5.51 -44.10 22.62
CA LEU A 351 6.53 -44.18 23.66
C LEU A 351 7.30 -45.48 23.55
N LYS A 352 8.54 -45.45 24.03
CA LYS A 352 9.44 -46.60 24.08
C LYS A 352 10.67 -46.25 24.93
N PRO A 353 11.08 -47.14 25.84
CA PRO A 353 12.27 -46.95 26.67
C PRO A 353 13.58 -47.15 25.89
N ARG A 354 13.64 -46.55 24.70
CA ARG A 354 14.80 -46.58 23.81
C ARG A 354 15.45 -47.77 23.10
N ILE A 355 14.75 -48.33 22.12
CA ILE A 355 15.11 -49.62 21.55
C ILE A 355 16.59 -49.66 21.16
N THR A 356 17.20 -48.49 20.97
CA THR A 356 18.63 -48.44 20.69
C THR A 356 19.41 -48.83 21.94
N ASN A 357 20.52 -49.55 21.71
CA ASN A 357 21.33 -50.17 22.76
C ASN A 357 21.82 -49.47 24.03
N ARG A 358 22.56 -48.39 23.87
CA ARG A 358 23.17 -47.69 25.00
C ARG A 358 23.38 -46.27 24.45
N THR A 359 24.10 -45.46 25.22
CA THR A 359 24.58 -44.18 24.72
C THR A 359 25.72 -44.42 23.74
N ASN A 360 25.38 -44.95 22.57
CA ASN A 360 26.39 -45.43 21.62
C ASN A 360 27.28 -44.30 21.09
N PRO A 361 26.76 -43.14 20.64
CA PRO A 361 27.65 -42.08 20.16
C PRO A 361 28.61 -41.41 21.15
N ARG A 362 28.05 -40.75 22.17
CA ARG A 362 28.83 -40.06 23.18
C ARG A 362 28.15 -40.38 24.51
N ASP A 363 28.96 -40.35 25.58
CA ASP A 363 28.44 -40.68 26.90
C ASP A 363 27.34 -39.71 27.34
N ASN A 364 27.42 -38.46 26.91
CA ASN A 364 26.39 -37.47 27.23
C ASN A 364 25.23 -37.65 26.27
N THR A 365 24.31 -38.55 26.63
CA THR A 365 23.14 -38.82 25.79
C THR A 365 21.98 -39.16 26.71
N LEU A 366 20.94 -38.32 26.69
CA LEU A 366 19.73 -38.51 27.47
C LEU A 366 18.59 -38.74 26.48
N LEU A 367 18.47 -39.97 26.01
CA LEU A 367 17.47 -40.32 25.00
C LEU A 367 16.71 -41.55 25.44
N GLN A 368 15.38 -41.51 25.32
CA GLN A 368 14.50 -42.67 25.40
C GLN A 368 13.57 -42.57 24.21
N GLN A 369 14.06 -43.01 23.04
CA GLN A 369 13.37 -42.76 21.77
C GLN A 369 11.94 -43.29 21.80
N LYS A 370 11.00 -42.47 21.35
CA LYS A 370 9.57 -42.75 21.43
C LYS A 370 9.04 -42.99 20.03
N LEU A 371 9.33 -44.17 19.50
CA LEU A 371 8.90 -44.56 18.15
C LEU A 371 8.08 -45.85 18.25
N LEU A 372 6.82 -45.77 17.83
CA LEU A 372 5.94 -46.93 17.76
C LEU A 372 5.32 -46.96 16.38
N GLN A 373 5.74 -47.91 15.55
CA GLN A 373 5.24 -47.99 14.18
C GLN A 373 3.90 -48.70 14.12
N GLU A 374 3.65 -49.64 15.03
CA GLU A 374 2.44 -50.45 14.97
C GLU A 374 1.22 -49.65 15.40
N ALA A 375 0.11 -49.84 14.68
CA ALA A 375 -1.17 -49.26 15.08
C ALA A 375 -1.92 -50.16 16.06
N TYR A 376 -1.20 -50.59 17.10
CA TYR A 376 -1.80 -51.37 18.18
C TYR A 376 -1.90 -50.43 19.35
N VAL A 377 -1.96 -50.97 20.58
CA VAL A 377 -2.32 -50.27 21.79
C VAL A 377 -3.77 -49.80 21.67
N THR A 378 -4.64 -50.72 21.28
CA THR A 378 -6.01 -50.36 20.93
C THR A 378 -6.82 -49.67 22.02
N PRO A 379 -6.64 -49.95 23.34
CA PRO A 379 -7.47 -49.27 24.35
C PRO A 379 -7.47 -47.75 24.26
N LYS A 380 -6.37 -47.11 24.64
CA LYS A 380 -6.33 -45.65 24.77
C LYS A 380 -5.82 -44.94 23.52
N ASP A 381 -5.53 -45.68 22.45
CA ASP A 381 -5.03 -45.06 21.23
C ASP A 381 -6.14 -44.74 20.23
N ASP A 382 -7.33 -45.34 20.38
CA ASP A 382 -8.42 -45.05 19.46
C ASP A 382 -8.86 -43.60 19.55
N LEU A 383 -8.80 -43.01 20.76
CA LEU A 383 -9.12 -41.59 20.90
C LEU A 383 -8.07 -40.72 20.24
N ARG A 384 -6.81 -41.16 20.24
CA ARG A 384 -5.75 -40.37 19.63
C ARG A 384 -5.97 -40.21 18.12
N LEU A 385 -6.48 -41.25 17.47
CA LEU A 385 -6.74 -41.16 16.04
C LEU A 385 -7.84 -40.15 15.73
N VAL A 386 -8.76 -39.94 16.67
CA VAL A 386 -9.82 -38.95 16.45
C VAL A 386 -9.24 -37.55 16.41
N GLY A 387 -8.37 -37.22 17.37
CA GLY A 387 -7.74 -35.91 17.37
C GLY A 387 -6.82 -35.71 16.18
N GLU A 388 -6.08 -36.76 15.80
CA GLU A 388 -5.21 -36.66 14.64
C GLU A 388 -6.00 -36.52 13.35
N LEU A 389 -7.12 -37.24 13.24
CA LEU A 389 -7.98 -37.08 12.07
C LEU A 389 -8.60 -35.69 12.04
N VAL A 390 -9.06 -35.19 13.19
CA VAL A 390 -9.56 -33.83 13.27
C VAL A 390 -8.45 -32.84 12.92
N SER A 391 -7.25 -33.07 13.44
CA SER A 391 -6.14 -32.16 13.16
C SER A 391 -5.70 -32.23 11.71
N ILE A 392 -5.93 -33.35 11.03
CA ILE A 392 -5.50 -33.47 9.64
C ILE A 392 -6.61 -33.04 8.67
N VAL A 393 -7.88 -33.19 9.05
CA VAL A 393 -8.94 -32.65 8.21
C VAL A 393 -9.12 -31.16 8.49
N GLY A 394 -8.88 -30.72 9.72
CA GLY A 394 -8.90 -29.30 10.02
C GLY A 394 -7.73 -28.54 9.42
N ALA A 395 -6.67 -29.24 9.01
CA ALA A 395 -5.53 -28.59 8.38
C ALA A 395 -5.70 -28.46 6.88
N VAL A 396 -6.22 -29.50 6.22
CA VAL A 396 -6.50 -29.39 4.80
C VAL A 396 -7.65 -28.44 4.56
N ILE A 397 -8.59 -28.34 5.51
CA ILE A 397 -9.65 -27.33 5.42
C ILE A 397 -9.03 -25.94 5.40
N ILE A 398 -8.03 -25.71 6.25
CA ILE A 398 -7.31 -24.42 6.22
C ILE A 398 -6.64 -24.23 4.87
N LEU A 399 -6.10 -25.29 4.29
CA LEU A 399 -5.55 -25.19 2.94
C LEU A 399 -6.64 -24.90 1.92
N LEU A 400 -7.80 -25.56 2.06
CA LEU A 400 -8.89 -25.37 1.09
C LEU A 400 -9.37 -23.93 1.09
N VAL A 401 -9.59 -23.35 2.27
CA VAL A 401 -10.06 -21.97 2.37
C VAL A 401 -8.99 -20.96 2.00
N GLU A 402 -7.74 -21.38 1.91
CA GLU A 402 -6.63 -20.50 1.53
C GLU A 402 -5.91 -20.96 0.27
N ILE A 403 -6.49 -21.90 -0.48
CA ILE A 403 -5.86 -22.35 -1.72
C ILE A 403 -5.86 -21.23 -2.75
N PRO A 404 -6.90 -20.41 -2.78
CA PRO A 404 -6.96 -19.28 -3.70
C PRO A 404 -6.03 -18.16 -3.27
N ILE A 419 1.09 -7.36 5.43
CA ILE A 419 0.04 -7.20 4.43
C ILE A 419 -1.20 -6.55 5.07
N LEU A 420 -1.27 -5.23 5.00
CA LEU A 420 -2.46 -4.48 5.39
C LEU A 420 -2.74 -5.04 6.78
N GLY A 421 -3.92 -5.53 7.04
CA GLY A 421 -4.23 -6.10 8.33
C GLY A 421 -4.47 -7.58 8.59
N GLY A 422 -3.43 -8.39 8.38
CA GLY A 422 -3.52 -9.82 8.52
C GLY A 422 -2.26 -10.51 9.05
N PRO A 423 -1.05 -10.13 8.54
CA PRO A 423 0.12 -11.04 8.58
C PRO A 423 -0.01 -12.41 9.23
N PHE A 424 -0.38 -12.44 10.52
CA PHE A 424 -0.40 -13.64 11.34
C PHE A 424 -0.95 -14.88 10.66
N HIS A 425 -1.68 -14.73 9.55
CA HIS A 425 -2.37 -15.87 8.95
C HIS A 425 -1.72 -16.35 7.65
N VAL A 426 -0.47 -15.95 7.39
CA VAL A 426 0.40 -16.81 6.60
C VAL A 426 0.97 -17.90 7.50
N ILE A 427 1.08 -17.60 8.80
CA ILE A 427 1.60 -18.54 9.78
C ILE A 427 0.69 -19.77 9.89
N ILE A 428 -0.62 -19.55 9.90
CA ILE A 428 -1.55 -20.67 9.97
C ILE A 428 -1.46 -21.53 8.73
N VAL A 429 -1.24 -20.91 7.56
CA VAL A 429 -1.16 -21.68 6.33
C VAL A 429 0.11 -22.54 6.33
N THR A 430 1.24 -21.97 6.74
CA THR A 430 2.47 -22.73 6.85
C THR A 430 2.44 -23.73 7.99
N TYR A 431 1.62 -23.49 9.02
CA TYR A 431 1.45 -24.46 10.09
C TYR A 431 0.80 -25.74 9.56
N ALA A 432 -0.30 -25.60 8.82
CA ALA A 432 -0.96 -26.77 8.25
C ALA A 432 -0.07 -27.48 7.24
N PHE A 433 0.89 -26.78 6.65
CA PHE A 433 1.93 -27.45 5.88
C PHE A 433 2.82 -28.29 6.78
N MET A 434 3.04 -27.84 8.02
CA MET A 434 3.94 -28.55 8.92
C MET A 434 3.30 -29.83 9.45
N VAL A 435 1.99 -29.78 9.75
CA VAL A 435 1.33 -31.00 10.22
C VAL A 435 1.20 -32.00 9.08
N LEU A 436 1.15 -31.53 7.83
CA LEU A 436 1.22 -32.45 6.70
C LEU A 436 2.62 -33.03 6.56
N VAL A 437 3.66 -32.20 6.73
CA VAL A 437 5.01 -32.73 6.78
C VAL A 437 5.19 -33.60 8.01
N THR A 438 4.51 -33.27 9.11
CA THR A 438 4.48 -34.18 10.25
C THR A 438 3.76 -35.48 9.89
N MET A 439 2.70 -35.38 9.08
CA MET A 439 2.03 -36.59 8.59
C MET A 439 2.92 -37.37 7.63
N VAL A 440 3.69 -36.66 6.81
CA VAL A 440 4.71 -37.31 6.00
C VAL A 440 5.80 -37.89 6.90
N MET A 441 6.19 -37.14 7.95
CA MET A 441 7.11 -37.69 8.94
C MET A 441 6.47 -38.84 9.70
N ARG A 442 5.17 -38.77 9.94
CA ARG A 442 4.43 -39.92 10.43
C ARG A 442 4.39 -41.00 9.35
N LEU A 443 4.04 -42.23 9.75
CA LEU A 443 4.04 -43.42 8.90
C LEU A 443 5.33 -43.58 8.11
N THR A 444 6.39 -42.89 8.54
CA THR A 444 7.76 -43.13 8.08
C THR A 444 8.75 -43.28 9.22
N ASN A 445 8.42 -42.81 10.42
CA ASN A 445 9.18 -43.08 11.64
C ASN A 445 10.60 -42.51 11.55
N SER A 446 10.70 -41.26 11.12
CA SER A 446 11.99 -40.60 11.08
C SER A 446 12.42 -40.22 12.50
N ASP A 447 13.74 -40.08 12.67
CA ASP A 447 14.27 -39.54 13.93
C ASP A 447 13.65 -38.19 14.24
N GLY A 448 13.51 -37.34 13.23
CA GLY A 448 12.93 -36.02 13.41
C GLY A 448 11.43 -35.99 13.26
N GLU A 449 10.72 -36.91 13.92
CA GLU A 449 9.27 -36.79 14.01
C GLU A 449 8.86 -35.58 14.83
N VAL A 450 9.77 -35.04 15.63
CA VAL A 450 9.43 -33.96 16.55
C VAL A 450 9.49 -32.61 15.86
N VAL A 451 10.49 -32.40 14.99
CA VAL A 451 10.84 -31.05 14.58
C VAL A 451 9.69 -30.30 13.89
N PRO A 452 9.04 -30.86 12.86
CA PRO A 452 7.89 -30.12 12.30
C PRO A 452 6.71 -30.08 13.24
N MET A 453 6.55 -31.11 14.09
CA MET A 453 5.50 -31.09 15.10
C MET A 453 5.76 -30.00 16.14
N SER A 454 6.99 -29.95 16.68
CA SER A 454 7.33 -28.90 17.63
C SER A 454 7.21 -27.52 17.00
N PHE A 455 7.57 -27.40 15.72
CA PHE A 455 7.31 -26.18 14.98
C PHE A 455 5.81 -25.84 14.99
N ALA A 456 4.96 -26.86 14.83
CA ALA A 456 3.57 -26.61 14.48
C ALA A 456 2.81 -25.87 15.57
N LEU A 457 3.03 -26.24 16.83
CA LEU A 457 2.14 -25.74 17.88
C LEU A 457 2.54 -24.37 18.45
N VAL A 458 3.77 -23.90 18.22
CA VAL A 458 4.07 -22.51 18.58
C VAL A 458 3.39 -21.57 17.60
N LEU A 459 3.42 -21.90 16.31
CA LEU A 459 2.69 -21.12 15.31
C LEU A 459 1.20 -21.13 15.61
N GLY A 460 0.65 -22.32 15.90
CA GLY A 460 -0.79 -22.44 16.05
C GLY A 460 -1.34 -21.68 17.23
N TRP A 461 -0.60 -21.67 18.34
CA TRP A 461 -1.05 -20.90 19.50
C TRP A 461 -0.77 -19.41 19.32
N CYS A 462 0.46 -19.06 18.93
CA CYS A 462 0.77 -17.65 18.70
C CYS A 462 -0.09 -17.04 17.61
N ASN A 463 -0.73 -17.86 16.78
CA ASN A 463 -1.66 -17.34 15.79
C ASN A 463 -2.95 -16.85 16.44
N VAL A 464 -3.32 -17.42 17.60
CA VAL A 464 -4.50 -16.95 18.32
C VAL A 464 -4.37 -15.47 18.64
N MET A 465 -3.12 -14.98 18.78
CA MET A 465 -2.89 -13.56 19.02
C MET A 465 -3.54 -12.68 17.97
N ALA A 466 -3.72 -13.20 16.75
CA ALA A 466 -4.40 -12.44 15.72
C ALA A 466 -5.87 -12.20 16.04
N PHE A 467 -6.47 -13.03 16.90
CA PHE A 467 -7.86 -12.79 17.27
C PHE A 467 -7.98 -11.57 18.18
N ALA A 468 -6.91 -11.21 18.89
CA ALA A 468 -6.92 -10.02 19.72
C ALA A 468 -7.18 -8.76 18.90
N ARG A 469 -6.90 -8.79 17.60
CA ARG A 469 -7.32 -7.73 16.70
C ARG A 469 -8.81 -7.48 16.85
N GLY A 470 -9.20 -6.22 16.82
CA GLY A 470 -10.57 -5.89 17.19
C GLY A 470 -10.76 -6.31 18.64
N PHE A 471 -11.86 -7.00 18.90
CA PHE A 471 -12.14 -7.55 20.22
C PHE A 471 -11.96 -6.21 20.91
N GLN A 472 -11.03 -6.15 21.86
CA GLN A 472 -10.83 -4.95 22.65
C GLN A 472 -9.58 -4.15 22.30
N MET A 473 -9.23 -3.25 23.20
CA MET A 473 -8.08 -2.37 23.02
C MET A 473 -6.72 -3.07 22.91
N LEU A 474 -6.63 -4.32 23.34
CA LEU A 474 -5.33 -4.98 23.23
C LEU A 474 -4.99 -5.34 21.79
N GLY A 475 -5.94 -5.20 20.88
CA GLY A 475 -5.69 -5.28 19.46
C GLY A 475 -4.63 -4.29 18.98
N PRO A 476 -4.75 -3.01 19.36
CA PRO A 476 -3.68 -2.06 19.02
C PRO A 476 -2.33 -2.47 19.58
N PHE A 477 -2.30 -3.21 20.68
CA PHE A 477 -1.03 -3.70 21.21
C PHE A 477 -0.44 -4.79 20.32
N THR A 478 -1.29 -5.69 19.82
CA THR A 478 -0.81 -6.78 18.96
C THR A 478 -0.29 -6.24 17.63
N ILE A 479 -0.92 -5.19 17.10
CA ILE A 479 -0.49 -4.68 15.81
C ILE A 479 0.80 -3.88 15.95
N MET A 480 1.03 -3.27 17.11
CA MET A 480 2.33 -2.68 17.39
C MET A 480 3.40 -3.77 17.40
N ILE A 481 3.08 -4.93 17.96
CA ILE A 481 3.95 -6.09 17.84
C ILE A 481 4.07 -6.53 16.39
N GLN A 482 2.92 -6.69 15.72
CA GLN A 482 2.91 -7.13 14.33
C GLN A 482 3.77 -6.22 13.46
N LYS A 483 3.68 -4.90 13.67
CA LYS A 483 4.55 -3.98 12.94
C LYS A 483 6.01 -4.20 13.31
N MET A 484 6.29 -4.49 14.59
CA MET A 484 7.66 -4.59 15.04
C MET A 484 8.29 -5.93 14.68
N ILE A 485 7.52 -7.02 14.80
CA ILE A 485 8.07 -8.35 14.52
C ILE A 485 8.52 -8.45 13.07
N PHE A 486 7.62 -8.16 12.14
CA PHE A 486 7.86 -8.31 10.72
C PHE A 486 8.43 -7.04 10.09
N GLY A 487 8.80 -6.05 10.89
CA GLY A 487 9.24 -4.77 10.35
C GLY A 487 10.70 -4.46 10.60
N ASP A 488 11.08 -4.27 11.87
CA ASP A 488 12.43 -3.89 12.21
C ASP A 488 13.20 -4.97 12.96
N LEU A 489 12.54 -6.06 13.38
CA LEU A 489 13.25 -7.13 14.08
C LEU A 489 14.35 -7.71 13.20
N MET A 490 14.04 -8.01 11.95
CA MET A 490 15.04 -8.58 11.05
C MET A 490 16.21 -7.63 10.84
N ARG A 491 15.91 -6.35 10.61
CA ARG A 491 16.96 -5.38 10.33
C ARG A 491 17.76 -5.02 11.56
N PHE A 492 17.14 -5.10 12.75
CA PHE A 492 17.85 -4.78 13.98
C PHE A 492 18.72 -5.93 14.46
N CYS A 493 18.32 -7.18 14.16
CA CYS A 493 19.04 -8.34 14.67
C CYS A 493 20.45 -8.42 14.12
N TRP A 494 20.64 -8.03 12.85
CA TRP A 494 21.99 -8.05 12.26
C TRP A 494 22.96 -7.25 13.12
N LEU A 495 22.52 -6.06 13.58
CA LEU A 495 23.37 -5.25 14.43
C LEU A 495 23.73 -6.00 15.72
N MET A 496 22.75 -6.70 16.31
CA MET A 496 23.05 -7.49 17.50
C MET A 496 23.90 -8.70 17.16
N ALA A 497 23.56 -9.41 16.07
CA ALA A 497 24.36 -10.55 15.65
C ALA A 497 25.80 -10.13 15.37
N VAL A 498 25.99 -8.93 14.83
CA VAL A 498 27.34 -8.45 14.54
C VAL A 498 28.10 -8.18 15.84
N VAL A 499 27.44 -7.54 16.81
CA VAL A 499 28.11 -7.28 18.09
C VAL A 499 28.29 -8.59 18.86
N ILE A 500 27.32 -9.51 18.75
CA ILE A 500 27.49 -10.82 19.37
C ILE A 500 28.63 -11.59 18.71
N LEU A 501 28.79 -11.42 17.39
CA LEU A 501 29.79 -12.18 16.64
C LEU A 501 31.17 -12.10 17.30
N GLY A 502 31.63 -10.89 17.57
CA GLY A 502 32.95 -10.71 18.17
C GLY A 502 33.06 -11.31 19.55
N PHE A 503 32.22 -10.85 20.48
CA PHE A 503 32.35 -11.28 21.87
C PHE A 503 32.10 -12.78 22.02
N ALA A 504 31.18 -13.34 21.23
CA ALA A 504 30.92 -14.78 21.30
C ALA A 504 32.12 -15.58 20.81
N SER A 505 32.67 -15.20 19.66
CA SER A 505 33.84 -15.89 19.15
C SER A 505 35.06 -15.67 20.05
N ALA A 506 35.18 -14.46 20.61
CA ALA A 506 36.31 -14.19 21.51
C ALA A 506 36.28 -15.13 22.71
N PHE A 507 35.09 -15.35 23.30
CA PHE A 507 34.98 -16.24 24.44
C PHE A 507 35.45 -17.65 24.11
N TYR A 508 35.12 -18.14 22.91
CA TYR A 508 35.52 -19.49 22.53
C TYR A 508 37.04 -19.64 22.53
N ILE A 509 37.75 -18.60 22.09
CA ILE A 509 39.21 -18.65 22.08
C ILE A 509 39.75 -18.84 23.50
N ILE A 510 39.15 -18.13 24.47
CA ILE A 510 39.68 -18.14 25.82
C ILE A 510 39.47 -19.51 26.47
N PHE A 511 38.27 -20.06 26.34
CA PHE A 511 37.91 -21.31 27.01
C PHE A 511 38.22 -22.54 26.18
N GLN A 512 38.79 -22.38 24.99
CA GLN A 512 39.30 -23.54 24.26
C GLN A 512 40.44 -24.19 25.03
N THR A 513 41.28 -23.39 25.67
CA THR A 513 42.34 -23.92 26.53
C THR A 513 41.75 -24.64 27.74
N GLU A 514 40.73 -24.05 28.36
CA GLU A 514 40.23 -24.55 29.63
C GLU A 514 39.51 -25.88 29.46
N ASP A 515 39.65 -26.74 30.47
CA ASP A 515 38.92 -28.00 30.51
C ASP A 515 37.44 -27.70 30.68
N PRO A 516 36.58 -28.05 29.70
CA PRO A 516 35.16 -27.66 29.79
C PRO A 516 34.37 -28.38 30.87
N ASP A 517 34.98 -29.30 31.62
CA ASP A 517 34.25 -29.96 32.70
C ASP A 517 33.81 -28.95 33.75
N GLU A 518 34.74 -28.09 34.19
CA GLU A 518 34.41 -26.97 35.05
C GLU A 518 34.31 -25.72 34.20
N LEU A 519 33.16 -25.05 34.27
CA LEU A 519 32.85 -23.88 33.45
C LEU A 519 33.04 -24.19 31.96
N GLY A 520 32.17 -25.06 31.48
CA GLY A 520 32.08 -25.33 30.06
C GLY A 520 30.92 -24.59 29.45
N HIS A 521 30.77 -23.32 29.82
CA HIS A 521 29.68 -22.49 29.29
C HIS A 521 29.67 -22.52 27.77
N PHE A 522 30.84 -22.52 27.15
CA PHE A 522 30.96 -22.62 25.70
C PHE A 522 32.15 -23.52 25.37
N TYR A 523 31.87 -24.75 24.94
CA TYR A 523 32.91 -25.67 24.51
C TYR A 523 32.93 -25.89 23.00
N ASP A 524 31.82 -25.62 22.30
CA ASP A 524 31.76 -25.72 20.86
C ASP A 524 31.53 -24.33 20.26
N TYR A 525 31.80 -24.21 18.97
CA TYR A 525 31.58 -22.93 18.29
C TYR A 525 30.11 -22.53 18.30
N PRO A 526 29.14 -23.39 17.93
CA PRO A 526 27.73 -23.01 18.14
C PRO A 526 27.39 -22.78 19.60
N MET A 527 27.95 -23.62 20.49
CA MET A 527 27.78 -23.41 21.92
C MET A 527 28.40 -22.10 22.37
N ALA A 528 29.43 -21.64 21.66
CA ALA A 528 30.04 -20.34 21.99
C ALA A 528 29.10 -19.20 21.65
N LEU A 529 28.36 -19.33 20.54
CA LEU A 529 27.45 -18.27 20.14
C LEU A 529 26.15 -18.31 20.92
N PHE A 530 25.73 -19.49 21.38
CA PHE A 530 24.46 -19.61 22.08
C PHE A 530 24.57 -19.11 23.53
N SER A 531 25.58 -19.57 24.26
CA SER A 531 25.77 -19.09 25.62
C SER A 531 25.99 -17.59 25.66
N THR A 532 26.61 -17.02 24.62
CA THR A 532 26.76 -15.58 24.54
C THR A 532 25.47 -14.91 24.11
N PHE A 533 24.64 -15.60 23.32
CA PHE A 533 23.34 -15.05 22.96
C PHE A 533 22.44 -14.90 24.19
N GLU A 534 22.38 -15.95 25.02
CA GLU A 534 21.65 -15.84 26.27
C GLU A 534 22.26 -14.80 27.18
N LEU A 535 23.60 -14.68 27.17
CA LEU A 535 24.26 -13.69 28.00
C LEU A 535 24.00 -12.28 27.51
N PHE A 536 23.69 -12.10 26.23
CA PHE A 536 23.37 -10.77 25.71
C PHE A 536 22.01 -10.29 26.19
N LEU A 537 21.12 -11.21 26.58
CA LEU A 537 19.82 -10.86 27.11
C LEU A 537 19.71 -11.12 28.61
N THR A 538 20.85 -11.37 29.27
CA THR A 538 20.91 -11.57 30.72
C THR A 538 19.98 -12.68 31.19
N ILE A 539 19.95 -13.79 30.45
CA ILE A 539 19.23 -14.99 30.86
C ILE A 539 20.18 -16.08 31.33
N ILE A 540 21.45 -15.73 31.57
CA ILE A 540 22.44 -16.65 32.12
C ILE A 540 23.27 -15.88 33.13
N ASP A 541 23.62 -16.54 34.24
CA ASP A 541 24.38 -15.93 35.33
C ASP A 541 25.80 -15.58 34.97
N GLY A 542 26.23 -15.69 33.71
CA GLY A 542 27.62 -15.46 33.37
C GLY A 542 28.52 -16.56 33.90
N PRO A 543 29.62 -16.81 33.21
CA PRO A 543 30.60 -17.79 33.70
C PRO A 543 31.06 -17.50 35.11
N ALA A 544 30.42 -18.13 36.09
CA ALA A 544 30.67 -17.88 37.51
C ALA A 544 31.15 -19.17 38.16
N ASN A 545 32.46 -19.39 38.13
CA ASN A 545 33.10 -20.53 38.80
C ASN A 545 34.21 -19.99 39.67
N TYR A 546 34.14 -20.29 40.97
CA TYR A 546 35.11 -19.76 41.93
C TYR A 546 36.02 -20.82 42.54
N ASP A 547 35.66 -22.11 42.43
CA ASP A 547 36.56 -23.15 42.87
C ASP A 547 37.82 -23.20 42.01
N VAL A 548 37.70 -22.83 40.73
CA VAL A 548 38.84 -22.75 39.83
C VAL A 548 39.19 -21.28 39.61
N ASP A 549 40.24 -21.02 38.85
CA ASP A 549 40.65 -19.68 38.48
C ASP A 549 40.39 -19.46 37.00
N LEU A 550 39.72 -18.37 36.67
CA LEU A 550 39.32 -18.10 35.30
C LEU A 550 40.49 -17.51 34.52
N PRO A 551 40.49 -17.65 33.20
CA PRO A 551 41.58 -17.10 32.38
C PRO A 551 41.61 -15.58 32.45
N PHE A 552 42.73 -15.03 31.98
CA PHE A 552 42.98 -13.59 32.14
C PHE A 552 42.01 -12.76 31.31
N MET A 553 41.65 -13.23 30.11
CA MET A 553 40.87 -12.42 29.19
C MET A 553 39.37 -12.57 29.37
N TYR A 554 38.90 -13.50 30.20
CA TYR A 554 37.46 -13.62 30.41
C TYR A 554 36.91 -12.40 31.13
N SER A 555 37.50 -12.05 32.29
CA SER A 555 37.00 -10.93 33.06
C SER A 555 37.14 -9.61 32.32
N ILE A 556 38.07 -9.52 31.37
CA ILE A 556 38.23 -8.28 30.61
C ILE A 556 37.20 -8.21 29.49
N THR A 557 36.92 -9.33 28.83
CA THR A 557 35.96 -9.32 27.72
C THR A 557 34.54 -9.21 28.25
N TYR A 558 34.19 -10.04 29.23
CA TYR A 558 32.82 -10.06 29.74
C TYR A 558 32.42 -8.73 30.38
N ALA A 559 33.38 -8.03 30.99
CA ALA A 559 33.11 -6.69 31.49
C ALA A 559 32.76 -5.75 30.34
N ALA A 560 33.51 -5.84 29.23
CA ALA A 560 33.17 -5.04 28.06
C ALA A 560 31.87 -5.51 27.44
N PHE A 561 31.63 -6.82 27.41
CA PHE A 561 30.40 -7.35 26.84
C PHE A 561 29.17 -6.91 27.63
N ALA A 562 29.27 -6.95 28.96
CA ALA A 562 28.14 -6.54 29.78
C ALA A 562 27.80 -5.08 29.58
N ILE A 563 28.82 -4.21 29.53
CA ILE A 563 28.57 -2.78 29.37
C ILE A 563 28.06 -2.47 27.98
N ILE A 564 28.61 -3.13 26.96
CA ILE A 564 28.15 -2.91 25.59
C ILE A 564 26.74 -3.44 25.42
N ALA A 565 26.45 -4.62 25.98
CA ALA A 565 25.13 -5.22 25.82
C ALA A 565 24.05 -4.39 26.50
N THR A 566 24.36 -3.72 27.60
CA THR A 566 23.37 -2.89 28.27
C THR A 566 23.16 -1.57 27.53
N LEU A 567 24.22 -0.96 27.02
CA LEU A 567 24.07 0.25 26.23
C LEU A 567 23.36 -0.01 24.92
N LEU A 568 23.41 -1.24 24.42
CA LEU A 568 22.63 -1.59 23.23
C LEU A 568 21.14 -1.61 23.55
N MET A 569 20.77 -2.09 24.74
CA MET A 569 19.36 -2.22 25.08
C MET A 569 18.74 -0.89 25.53
N LEU A 570 19.52 -0.01 26.16
CA LEU A 570 18.97 1.26 26.62
C LEU A 570 18.74 2.22 25.46
N ASN A 571 19.69 2.31 24.53
CA ASN A 571 19.48 3.11 23.33
C ASN A 571 18.39 2.51 22.44
N LEU A 572 18.12 1.22 22.58
CA LEU A 572 17.01 0.61 21.84
C LEU A 572 15.67 1.07 22.41
N LEU A 573 15.57 1.18 23.73
CA LEU A 573 14.32 1.65 24.34
C LEU A 573 14.06 3.11 24.00
N ILE A 574 15.11 3.94 24.01
CA ILE A 574 14.95 5.34 23.63
C ILE A 574 14.62 5.46 22.16
N ALA A 575 15.08 4.51 21.33
CA ALA A 575 14.72 4.50 19.92
C ALA A 575 13.25 4.21 19.71
N MET A 576 12.58 3.57 20.67
CA MET A 576 11.15 3.33 20.58
C MET A 576 10.32 4.56 20.91
N MET A 577 10.95 5.61 21.46
CA MET A 577 10.23 6.83 21.81
C MET A 577 9.82 7.65 20.59
N GLY A 578 10.39 7.37 19.41
CA GLY A 578 9.92 8.01 18.21
C GLY A 578 8.48 7.66 17.90
N ASP A 579 8.02 6.50 18.36
CA ASP A 579 6.62 6.12 18.23
C ASP A 579 5.92 6.24 19.59
N THR A 580 5.94 7.44 20.17
CA THR A 580 5.36 7.69 21.47
C THR A 580 4.57 8.99 21.57
N HIS A 581 5.02 10.02 20.88
CA HIS A 581 4.37 11.33 20.89
C HIS A 581 2.97 10.93 20.42
N TRP A 582 2.07 11.90 20.40
CA TRP A 582 0.69 11.64 19.98
C TRP A 582 0.12 11.11 18.66
N ARG A 583 0.77 11.44 17.55
CA ARG A 583 0.30 10.99 16.24
C ARG A 583 0.48 9.49 16.07
N VAL A 584 1.57 8.94 16.61
CA VAL A 584 1.83 7.51 16.49
C VAL A 584 0.83 6.70 17.31
N ALA A 585 0.50 7.18 18.51
CA ALA A 585 -0.57 6.54 19.28
C ALA A 585 -1.89 6.60 18.54
N HIS A 586 -2.09 7.65 17.74
CA HIS A 586 -3.26 7.73 16.88
C HIS A 586 -3.07 6.93 15.59
N GLU A 587 -1.82 6.78 15.13
CA GLU A 587 -1.55 6.02 13.92
C GLU A 587 -1.66 4.52 14.17
N ARG A 588 -1.16 4.05 15.32
CA ARG A 588 -1.36 2.65 15.69
C ARG A 588 -2.83 2.33 15.93
N ASP A 589 -3.65 3.34 16.22
CA ASP A 589 -5.07 3.15 16.44
C ASP A 589 -5.89 3.31 15.17
N GLU A 590 -5.46 4.19 14.26
CA GLU A 590 -6.21 4.37 13.01
C GLU A 590 -6.04 3.19 12.08
N LEU A 591 -4.89 2.52 12.12
CA LEU A 591 -4.70 1.35 11.27
C LEU A 591 -5.17 0.07 11.95
N TRP A 592 -5.30 0.06 13.28
CA TRP A 592 -5.96 -1.07 13.93
C TRP A 592 -7.44 -1.09 13.59
N ARG A 593 -8.13 0.04 13.76
CA ARG A 593 -9.53 0.12 13.38
C ARG A 593 -9.72 -0.10 11.89
N ALA A 594 -8.68 0.15 11.09
CA ALA A 594 -8.71 -0.26 9.69
C ALA A 594 -8.42 -1.75 9.56
N GLN A 595 -7.53 -2.28 10.40
CA GLN A 595 -7.24 -3.71 10.39
C GLN A 595 -8.48 -4.52 10.75
N VAL A 596 -9.40 -3.94 11.51
CA VAL A 596 -10.66 -4.62 11.80
C VAL A 596 -11.57 -4.63 10.58
N VAL A 597 -11.78 -3.45 9.98
CA VAL A 597 -12.54 -3.37 8.74
C VAL A 597 -11.89 -4.23 7.66
N ALA A 598 -10.56 -4.36 7.70
CA ALA A 598 -9.87 -5.25 6.78
C ALA A 598 -10.37 -6.68 6.91
N THR A 599 -10.42 -7.20 8.14
CA THR A 599 -10.89 -8.56 8.36
C THR A 599 -12.40 -8.68 8.16
N THR A 600 -13.15 -7.59 8.31
CA THR A 600 -14.60 -7.68 8.25
C THR A 600 -15.08 -8.00 6.84
N VAL A 601 -14.56 -7.30 5.84
CA VAL A 601 -15.10 -7.43 4.49
C VAL A 601 -14.73 -8.77 3.87
N MET A 602 -13.60 -9.35 4.27
CA MET A 602 -13.23 -10.66 3.72
C MET A 602 -14.17 -11.74 4.21
N LEU A 603 -14.60 -11.67 5.47
CA LEU A 603 -15.59 -12.62 5.96
C LEU A 603 -16.86 -12.57 5.11
N GLU A 604 -17.37 -11.36 4.87
CA GLU A 604 -18.61 -11.22 4.10
C GLU A 604 -18.46 -11.79 2.69
N ARG A 605 -17.29 -11.62 2.07
CA ARG A 605 -17.10 -12.12 0.72
C ARG A 605 -16.98 -13.65 0.70
N LYS A 606 -16.40 -14.24 1.74
CA LYS A 606 -16.23 -15.69 1.81
C LYS A 606 -17.21 -16.37 2.76
N LEU A 607 -18.15 -15.61 3.39
CA LEU A 607 -19.20 -16.27 4.16
C LEU A 607 -20.49 -16.34 3.35
N PRO A 608 -21.31 -17.37 3.57
CA PRO A 608 -22.53 -17.51 2.77
C PRO A 608 -23.50 -16.38 3.02
N ARG A 609 -24.24 -16.02 1.97
CA ARG A 609 -25.18 -14.91 2.06
C ARG A 609 -26.50 -15.29 2.72
N CYS A 610 -26.68 -16.58 3.05
CA CYS A 610 -27.84 -16.97 3.87
C CYS A 610 -27.84 -16.22 5.19
N LEU A 611 -26.71 -16.24 5.90
CA LEU A 611 -26.50 -15.35 7.02
C LEU A 611 -25.97 -14.02 6.53
N TRP A 612 -25.85 -13.05 7.45
CA TRP A 612 -25.28 -11.74 7.16
C TRP A 612 -26.02 -10.92 6.11
N PRO A 613 -27.24 -10.45 6.41
CA PRO A 613 -27.99 -9.67 5.43
C PRO A 613 -27.27 -8.46 4.85
N ARG A 614 -27.79 -7.97 3.73
CA ARG A 614 -27.19 -6.82 3.07
C ARG A 614 -27.45 -5.55 3.87
N SER A 615 -26.47 -4.66 3.90
CA SER A 615 -26.61 -3.41 4.64
C SER A 615 -27.60 -2.48 3.95
N GLY A 616 -28.44 -1.83 4.75
CA GLY A 616 -29.44 -0.92 4.23
C GLY A 616 -30.79 -1.57 4.04
N ILE A 617 -31.71 -0.77 3.53
CA ILE A 617 -33.09 -1.21 3.26
C ILE A 617 -33.38 -0.86 1.81
N CYS A 618 -33.58 -1.89 0.98
CA CYS A 618 -33.65 -1.72 -0.47
C CYS A 618 -34.78 -0.75 -0.86
N GLY A 619 -34.61 -0.14 -2.03
CA GLY A 619 -35.52 0.86 -2.55
C GLY A 619 -36.75 0.32 -3.24
N ARG A 620 -36.94 -0.99 -3.27
CA ARG A 620 -38.17 -1.56 -3.78
C ARG A 620 -39.21 -1.63 -2.65
N GLU A 621 -40.48 -1.49 -3.04
CA GLU A 621 -41.59 -1.29 -2.10
C GLU A 621 -41.43 -0.01 -1.29
N TYR A 622 -40.64 0.93 -1.83
CA TYR A 622 -40.49 2.26 -1.26
C TYR A 622 -40.38 3.25 -2.42
N GLY A 623 -40.74 4.50 -2.16
CA GLY A 623 -40.65 5.53 -3.18
C GLY A 623 -39.22 5.92 -3.50
N LEU A 624 -38.41 4.94 -3.88
CA LEU A 624 -36.99 5.14 -4.17
C LEU A 624 -36.65 4.51 -5.50
N GLY A 625 -35.37 4.58 -5.87
CA GLY A 625 -34.92 4.11 -7.17
C GLY A 625 -34.24 2.75 -7.13
N ASP A 626 -34.80 1.81 -6.38
CA ASP A 626 -34.36 0.42 -6.34
C ASP A 626 -32.93 0.27 -5.81
N ARG A 627 -32.42 1.28 -5.11
CA ARG A 627 -31.11 1.20 -4.48
C ARG A 627 -31.30 0.71 -3.04
N TRP A 628 -30.25 0.76 -2.23
CA TRP A 628 -30.32 0.20 -0.88
C TRP A 628 -30.23 1.22 0.24
N PHE A 629 -29.44 2.28 0.06
CA PHE A 629 -29.47 3.45 0.96
C PHE A 629 -29.35 3.69 2.45
N LEU A 630 -28.64 3.62 3.23
CA LEU A 630 -28.63 4.04 4.63
C LEU A 630 -29.13 5.30 5.34
N ARG A 631 -30.03 5.13 6.29
CA ARG A 631 -30.54 6.26 7.06
C ARG A 631 -29.52 6.66 8.12
N VAL A 632 -29.13 7.93 8.11
CA VAL A 632 -28.14 8.45 9.03
C VAL A 632 -28.63 9.80 9.54
N GLU A 633 -28.98 9.88 10.82
CA GLU A 633 -29.41 11.13 11.43
C GLU A 633 -28.34 11.64 12.37
N ASP A 634 -28.11 12.95 12.34
CA ASP A 634 -27.08 13.61 13.13
C ASP A 634 -27.66 14.86 13.74
N ARG A 635 -26.89 15.46 14.65
CA ARG A 635 -27.29 16.69 15.33
C ARG A 635 -26.17 17.72 15.24
N GLN A 636 -26.54 18.96 14.96
CA GLN A 636 -25.59 20.06 14.90
C GLN A 636 -25.72 20.93 16.16
N ASP A 637 -24.91 21.97 16.22
CA ASP A 637 -24.91 22.87 17.37
C ASP A 637 -25.65 24.17 17.07
#